data_8WX1
#
_entry.id   8WX1
#
_cell.length_a   1.00
_cell.length_b   1.00
_cell.length_c   1.00
_cell.angle_alpha   90.00
_cell.angle_beta   90.00
_cell.angle_gamma   90.00
#
_symmetry.space_group_name_H-M   'P 1'
#
_entity_poly.entity_id   1
_entity_poly.type   'polypeptide(L)'
_entity_poly.pdbx_seq_one_letter_code
;MSAPRAEEQPSRSGERQPLVARGPRGPRRWRRTAAAAVLLVQMLERAAFFGVTSNLVLYLNSLNFNWDGQQASRATLLFL
GASYLLAPVGGWLADVYLGRFLTISLSLLLYLAASGLLLTTITNDGRRSFCGEMPELPLEPACPSSSCQGSWSSPYCATT
LYLVLLLLALAASSVRSTLTSFGADQVMDLGRDATRRFFNWFYWSINLGAILSLLVVAFIEQNISFLWGYSIIVGLVGLA
FFIFLFATPVFITKPPTGSQVSSMLKLAFQNCCPCRRSSSRDSESAHLLPDQRSNQPGPSPQEDMANFQVLVKILPVMVT
LVPYWMVYFQMQSTYVLQGLHLHIPNIFRTNPNISLLLRSDSSNYRIPEAWLLLANVAVILILIPVKDHLIDPLLLRCKL
LPSSLQKMALGMFFGFTSIIVAGVLEKERLQYIAANQTVPQLIGKDLYYAAPLSIWWQIPQYLLIGVSEIFASIPGLEFA
YSEAPRSMQGAIMGIFFCLSGVGSLLGSGLVALLSFPGGWMYCPKDFGNINNCQMDRYFFLLAGIEAVTAVLFLWIAGRY
ERTRQDPASQRSSSRVRG
;
_entity_poly.pdbx_strand_id   A
#
# COMPACT_ATOMS: atom_id res chain seq x y z
N ARG A 25 -0.25 17.60 -34.55
CA ARG A 25 0.55 17.04 -33.47
C ARG A 25 -0.28 16.89 -32.20
N GLY A 26 -1.50 17.42 -32.24
CA GLY A 26 -2.41 17.38 -31.12
C GLY A 26 -2.62 16.02 -30.49
N PRO A 27 -2.82 14.97 -31.30
CA PRO A 27 -2.99 13.62 -30.71
C PRO A 27 -1.85 13.21 -29.80
N ARG A 28 -0.61 13.17 -30.30
CA ARG A 28 0.51 12.77 -29.47
C ARG A 28 0.69 13.72 -28.30
N ARG A 29 0.47 15.01 -28.52
CA ARG A 29 0.56 15.99 -27.44
C ARG A 29 -0.35 15.60 -26.28
N TRP A 30 -1.64 15.47 -26.55
CA TRP A 30 -2.60 15.18 -25.49
C TRP A 30 -2.30 13.83 -24.86
N ARG A 31 -1.99 12.81 -25.68
CA ARG A 31 -1.71 11.48 -25.13
C ARG A 31 -0.55 11.51 -24.14
N ARG A 32 0.61 12.00 -24.58
CA ARG A 32 1.80 11.92 -23.75
C ARG A 32 1.71 12.89 -22.57
N THR A 33 1.13 14.07 -22.78
CA THR A 33 0.98 15.00 -21.67
C THR A 33 0.00 14.48 -20.62
N ALA A 34 -1.05 13.79 -21.06
CA ALA A 34 -1.99 13.19 -20.11
C ALA A 34 -1.34 12.06 -19.34
N ALA A 35 -0.55 11.22 -20.02
CA ALA A 35 0.17 10.17 -19.32
C ALA A 35 1.11 10.76 -18.27
N ALA A 36 1.89 11.77 -18.66
CA ALA A 36 2.84 12.39 -17.73
C ALA A 36 2.12 13.04 -16.56
N ALA A 37 1.00 13.72 -16.83
CA ALA A 37 0.25 14.38 -15.77
C ALA A 37 -0.36 13.38 -14.80
N VAL A 38 -0.91 12.28 -15.31
CA VAL A 38 -1.45 11.25 -14.42
C VAL A 38 -0.34 10.66 -13.56
N LEU A 39 0.82 10.39 -14.16
CA LEU A 39 1.94 9.85 -13.39
C LEU A 39 2.38 10.83 -12.31
N LEU A 40 2.46 12.12 -12.64
CA LEU A 40 2.91 13.12 -11.67
C LEU A 40 1.90 13.29 -10.54
N VAL A 41 0.61 13.30 -10.87
CA VAL A 41 -0.42 13.47 -9.84
C VAL A 41 -0.44 12.26 -8.92
N GLN A 42 -0.31 11.05 -9.47
CA GLN A 42 -0.23 9.87 -8.63
C GLN A 42 1.02 9.88 -7.76
N MET A 43 2.15 10.35 -8.32
CA MET A 43 3.37 10.48 -7.54
C MET A 43 3.16 11.40 -6.35
N LEU A 44 2.56 12.57 -6.58
CA LEU A 44 2.34 13.53 -5.51
C LEU A 44 1.36 13.00 -4.47
N GLU A 45 0.31 12.31 -4.92
CA GLU A 45 -0.68 11.78 -3.97
C GLU A 45 -0.07 10.69 -3.10
N ARG A 46 0.67 9.76 -3.73
CA ARG A 46 1.36 8.72 -2.95
C ARG A 46 2.39 9.34 -2.02
N ALA A 47 3.04 10.42 -2.44
CA ALA A 47 3.98 11.11 -1.57
C ALA A 47 3.29 11.67 -0.34
N ALA A 48 2.16 12.36 -0.54
CA ALA A 48 1.40 12.87 0.59
C ALA A 48 0.96 11.75 1.52
N PHE A 49 0.45 10.65 0.94
CA PHE A 49 -0.03 9.54 1.75
C PHE A 49 1.10 8.93 2.58
N PHE A 50 2.26 8.71 1.96
CA PHE A 50 3.38 8.12 2.67
C PHE A 50 3.90 9.07 3.75
N GLY A 51 4.01 10.36 3.43
CA GLY A 51 4.43 11.36 4.40
C GLY A 51 3.53 11.40 5.61
N VAL A 52 2.23 11.21 5.39
CA VAL A 52 1.29 11.15 6.51
C VAL A 52 1.55 9.88 7.33
N THR A 53 1.41 8.71 6.69
CA THR A 53 1.37 7.46 7.42
C THR A 53 2.73 7.09 8.02
N SER A 54 3.81 7.75 7.59
CA SER A 54 5.13 7.40 8.11
C SER A 54 5.29 7.88 9.55
N ASN A 55 4.70 9.04 9.89
CA ASN A 55 4.86 9.61 11.22
C ASN A 55 3.50 9.97 11.84
N LEU A 56 2.42 9.38 11.34
CA LEU A 56 1.14 9.52 12.01
C LEU A 56 1.22 9.05 13.46
N VAL A 57 1.96 7.97 13.71
CA VAL A 57 2.09 7.44 15.06
C VAL A 57 2.78 8.46 15.97
N LEU A 58 3.91 9.02 15.50
CA LEU A 58 4.65 9.99 16.31
C LEU A 58 3.83 11.26 16.52
N TYR A 59 3.07 11.66 15.49
CA TYR A 59 2.20 12.82 15.60
C TYR A 59 1.12 12.61 16.66
N LEU A 60 0.53 11.42 16.68
CA LEU A 60 -0.48 11.12 17.70
C LEU A 60 0.13 11.09 19.09
N ASN A 61 1.30 10.47 19.24
CA ASN A 61 1.97 10.36 20.53
C ASN A 61 2.71 11.63 20.93
N SER A 62 2.50 12.73 20.22
CA SER A 62 3.15 13.99 20.56
C SER A 62 2.55 14.57 21.84
N LEU A 63 3.21 15.59 22.37
CA LEU A 63 2.78 16.26 23.60
C LEU A 63 1.56 17.15 23.39
N ASN A 64 0.95 17.17 22.21
CA ASN A 64 -0.22 17.99 21.93
C ASN A 64 -1.52 17.20 21.95
N PHE A 65 -1.43 15.87 22.05
CA PHE A 65 -2.64 15.04 22.06
C PHE A 65 -2.60 14.04 23.21
N ASN A 66 -1.39 13.73 23.69
CA ASN A 66 -1.19 12.79 24.80
C ASN A 66 -1.81 11.43 24.52
N TRP A 67 -1.72 10.98 23.27
CA TRP A 67 -2.26 9.69 22.90
C TRP A 67 -1.32 8.56 23.30
N ASP A 68 -1.89 7.41 23.65
CA ASP A 68 -1.09 6.25 24.03
C ASP A 68 -0.58 5.54 22.78
N GLY A 69 0.57 4.89 22.90
CA GLY A 69 1.15 4.16 21.77
C GLY A 69 0.26 3.08 21.22
N GLN A 70 -0.45 2.34 22.09
CA GLN A 70 -1.38 1.33 21.63
C GLN A 70 -2.50 1.97 20.81
N GLN A 71 -3.05 3.10 21.29
CA GLN A 71 -4.09 3.78 20.55
C GLN A 71 -3.56 4.30 19.21
N ALA A 72 -2.29 4.75 19.18
CA ALA A 72 -1.72 5.24 17.93
C ALA A 72 -1.56 4.11 16.93
N SER A 73 -1.08 2.95 17.38
CA SER A 73 -0.95 1.80 16.50
C SER A 73 -2.32 1.35 15.99
N ARG A 74 -3.31 1.31 16.89
CA ARG A 74 -4.67 0.97 16.47
C ARG A 74 -5.20 1.94 15.43
N ALA A 75 -4.95 3.24 15.63
CA ALA A 75 -5.42 4.25 14.70
C ALA A 75 -4.76 4.09 13.34
N THR A 76 -3.45 3.81 13.32
CA THR A 76 -2.76 3.60 12.06
C THR A 76 -3.27 2.37 11.32
N LEU A 77 -3.46 1.26 12.05
CA LEU A 77 -3.96 0.04 11.41
C LEU A 77 -5.37 0.24 10.88
N LEU A 78 -6.23 0.90 11.65
CA LEU A 78 -7.59 1.16 11.20
C LEU A 78 -7.62 2.14 10.03
N PHE A 79 -6.67 3.08 10.01
CA PHE A 79 -6.56 4.00 8.87
C PHE A 79 -6.22 3.24 7.60
N LEU A 80 -5.20 2.39 7.65
CA LEU A 80 -4.83 1.60 6.49
C LEU A 80 -5.99 0.70 6.05
N GLY A 81 -6.62 0.01 7.00
CA GLY A 81 -7.73 -0.87 6.65
C GLY A 81 -8.90 -0.13 6.07
N ALA A 82 -9.23 1.04 6.63
CA ALA A 82 -10.36 1.82 6.14
C ALA A 82 -10.09 2.36 4.74
N SER A 83 -8.86 2.80 4.49
CA SER A 83 -8.48 3.23 3.14
C SER A 83 -8.67 2.10 2.16
N TYR A 84 -8.08 0.94 2.46
CA TYR A 84 -8.12 -0.18 1.53
C TYR A 84 -9.54 -0.69 1.32
N LEU A 85 -10.37 -0.61 2.35
CA LEU A 85 -11.73 -1.15 2.25
C LEU A 85 -12.70 -0.13 1.67
N LEU A 86 -12.33 1.15 1.69
CA LEU A 86 -13.16 2.17 1.07
C LEU A 86 -12.76 2.45 -0.36
N ALA A 87 -11.59 1.97 -0.79
CA ALA A 87 -11.20 2.01 -2.19
C ALA A 87 -12.31 1.49 -3.13
N PRO A 88 -12.89 0.29 -2.88
CA PRO A 88 -13.96 -0.18 -3.78
C PRO A 88 -15.20 0.69 -3.72
N VAL A 89 -15.52 1.20 -2.53
CA VAL A 89 -16.70 2.05 -2.35
C VAL A 89 -16.55 3.30 -3.19
N GLY A 90 -15.39 3.95 -3.09
CA GLY A 90 -15.14 5.14 -3.90
C GLY A 90 -15.12 4.85 -5.38
N GLY A 91 -14.46 3.76 -5.79
CA GLY A 91 -14.44 3.41 -7.20
C GLY A 91 -15.83 3.15 -7.75
N TRP A 92 -16.69 2.50 -6.95
CA TRP A 92 -18.05 2.22 -7.40
C TRP A 92 -18.88 3.49 -7.45
N LEU A 93 -18.76 4.36 -6.44
CA LEU A 93 -19.48 5.62 -6.45
C LEU A 93 -19.06 6.47 -7.64
N ALA A 94 -17.80 6.35 -8.05
CA ALA A 94 -17.35 6.94 -9.30
C ALA A 94 -18.08 6.34 -10.49
N ASP A 95 -17.88 5.04 -10.68
CA ASP A 95 -18.30 4.38 -11.92
C ASP A 95 -19.81 4.39 -12.11
N VAL A 96 -20.59 4.54 -11.03
CA VAL A 96 -22.03 4.43 -11.18
C VAL A 96 -22.60 5.65 -11.91
N TYR A 97 -22.40 6.85 -11.37
CA TYR A 97 -22.84 8.06 -12.07
C TYR A 97 -21.82 9.18 -12.03
N LEU A 98 -20.88 9.11 -11.08
CA LEU A 98 -20.06 10.28 -10.76
C LEU A 98 -19.10 10.65 -11.88
N GLY A 99 -18.57 9.66 -12.59
CA GLY A 99 -17.59 9.92 -13.61
C GLY A 99 -16.18 10.00 -13.04
N ARG A 100 -15.20 9.49 -13.79
CA ARG A 100 -13.84 9.39 -13.26
C ARG A 100 -13.21 10.76 -13.01
N PHE A 101 -13.36 11.68 -13.96
CA PHE A 101 -12.76 13.01 -13.80
C PHE A 101 -13.35 13.74 -12.60
N LEU A 102 -14.68 13.81 -12.53
CA LEU A 102 -15.34 14.47 -11.42
C LEU A 102 -15.04 13.79 -10.09
N THR A 103 -14.89 12.46 -10.09
CA THR A 103 -14.56 11.75 -8.87
C THR A 103 -13.16 12.08 -8.40
N ILE A 104 -12.19 12.11 -9.32
CA ILE A 104 -10.84 12.54 -8.94
C ILE A 104 -10.86 13.95 -8.40
N SER A 105 -11.66 14.83 -9.02
CA SER A 105 -11.77 16.20 -8.55
C SER A 105 -12.25 16.27 -7.10
N LEU A 106 -13.42 15.66 -6.84
CA LEU A 106 -13.95 15.65 -5.48
C LEU A 106 -13.06 14.93 -4.48
N SER A 107 -12.38 13.86 -4.87
CA SER A 107 -11.54 13.13 -3.93
C SER A 107 -10.28 13.92 -3.59
N LEU A 108 -9.69 14.58 -4.58
CA LEU A 108 -8.58 15.49 -4.29
C LEU A 108 -9.02 16.66 -3.44
N LEU A 109 -10.23 17.16 -3.66
CA LEU A 109 -10.76 18.25 -2.83
C LEU A 109 -10.90 17.80 -1.39
N LEU A 110 -11.47 16.61 -1.17
CA LEU A 110 -11.61 16.08 0.18
C LEU A 110 -10.26 15.81 0.81
N TYR A 111 -9.29 15.32 0.03
CA TYR A 111 -7.94 15.10 0.56
C TYR A 111 -7.30 16.41 1.01
N LEU A 112 -7.41 17.45 0.18
CA LEU A 112 -6.87 18.76 0.54
C LEU A 112 -7.57 19.31 1.77
N ALA A 113 -8.89 19.14 1.86
CA ALA A 113 -9.64 19.64 3.00
C ALA A 113 -9.20 18.93 4.29
N ALA A 114 -9.06 17.61 4.23
CA ALA A 114 -8.63 16.85 5.40
C ALA A 114 -7.21 17.23 5.82
N SER A 115 -6.31 17.41 4.84
CA SER A 115 -4.94 17.80 5.16
C SER A 115 -4.90 19.18 5.80
N GLY A 116 -5.65 20.13 5.26
CA GLY A 116 -5.67 21.47 5.84
C GLY A 116 -6.31 21.50 7.21
N LEU A 117 -7.34 20.68 7.41
CA LEU A 117 -7.99 20.63 8.72
C LEU A 117 -7.06 20.00 9.76
N LEU A 118 -6.30 18.99 9.36
CA LEU A 118 -5.30 18.42 10.25
C LEU A 118 -4.21 19.43 10.56
N LEU A 119 -3.78 20.21 9.55
CA LEU A 119 -2.80 21.26 9.75
C LEU A 119 -3.30 22.30 10.76
N THR A 120 -4.58 22.66 10.66
CA THR A 120 -5.14 23.61 11.63
C THR A 120 -5.27 22.98 13.01
N THR A 121 -5.53 21.67 13.06
CA THR A 121 -5.55 20.96 14.33
C THR A 121 -4.18 20.97 14.99
N ILE A 122 -3.12 20.97 14.19
CA ILE A 122 -1.77 21.09 14.73
C ILE A 122 -1.62 22.41 15.48
N THR A 123 -2.09 23.50 14.87
CA THR A 123 -2.04 24.80 15.52
C THR A 123 -2.94 24.81 16.75
N ASN A 124 -2.43 25.38 17.84
CA ASN A 124 -3.15 25.43 19.11
C ASN A 124 -4.50 26.11 18.97
N ASP A 125 -4.56 27.16 18.15
CA ASP A 125 -5.82 27.87 17.92
C ASP A 125 -6.89 26.93 17.36
N GLY A 126 -6.61 26.31 16.23
CA GLY A 126 -7.53 25.36 15.63
C GLY A 126 -7.77 24.15 16.53
N ARG A 127 -6.73 23.72 17.24
CA ARG A 127 -6.83 22.61 18.17
C ARG A 127 -7.89 22.87 19.23
N ARG A 128 -7.88 24.06 19.84
CA ARG A 128 -8.85 24.37 20.89
C ARG A 128 -10.20 24.73 20.29
N SER A 129 -10.21 25.30 19.09
CA SER A 129 -11.45 25.73 18.46
C SER A 129 -12.29 24.56 17.97
N PHE A 130 -11.64 23.50 17.48
CA PHE A 130 -12.35 22.41 16.80
C PHE A 130 -12.87 21.37 17.79
N CYS A 131 -11.97 20.75 18.54
CA CYS A 131 -12.34 19.68 19.46
C CYS A 131 -12.00 20.10 20.89
N GLY A 132 -12.95 20.80 21.53
CA GLY A 132 -12.89 21.15 22.93
C GLY A 132 -11.56 21.64 23.47
N GLU A 133 -11.20 21.19 24.67
CA GLU A 133 -9.96 21.59 25.34
C GLU A 133 -9.28 20.35 25.89
N MET A 134 -7.98 20.48 26.14
CA MET A 134 -7.17 19.39 26.70
C MET A 134 -7.78 18.91 28.01
N PRO A 135 -7.92 17.59 28.20
CA PRO A 135 -8.55 17.07 29.42
C PRO A 135 -7.81 17.46 30.69
N GLU A 136 -8.56 17.69 31.76
CA GLU A 136 -7.97 18.09 33.04
C GLU A 136 -7.92 16.91 34.00
N GLN A 149 -7.83 5.02 29.04
CA GLN A 149 -7.63 3.58 29.19
C GLN A 149 -7.62 2.88 27.83
N GLY A 150 -8.79 2.46 27.38
CA GLY A 150 -8.92 1.77 26.11
C GLY A 150 -9.81 2.49 25.13
N SER A 151 -10.92 1.85 24.75
CA SER A 151 -11.86 2.43 23.81
C SER A 151 -12.78 3.45 24.48
N TRP A 152 -12.45 3.83 25.72
CA TRP A 152 -13.24 4.83 26.44
C TRP A 152 -13.18 6.20 25.78
N SER A 153 -12.24 6.41 24.85
CA SER A 153 -11.98 7.64 24.12
C SER A 153 -11.31 8.68 25.01
N SER A 154 -10.60 8.27 26.06
CA SER A 154 -9.83 9.17 26.92
C SER A 154 -8.79 10.00 26.15
N PRO A 155 -8.14 9.46 25.07
CA PRO A 155 -7.28 10.31 24.26
C PRO A 155 -7.96 11.58 23.78
N TYR A 156 -7.25 12.71 23.86
CA TYR A 156 -7.82 13.99 23.51
C TYR A 156 -8.17 14.07 22.02
N CYS A 157 -9.28 14.73 21.73
CA CYS A 157 -9.73 15.00 20.38
C CYS A 157 -9.88 13.70 19.60
N ALA A 158 -10.55 12.72 20.21
CA ALA A 158 -10.65 11.40 19.61
C ALA A 158 -11.56 11.40 18.39
N THR A 159 -12.81 11.83 18.56
CA THR A 159 -13.80 11.72 17.48
C THR A 159 -13.41 12.55 16.27
N THR A 160 -12.94 13.77 16.49
CA THR A 160 -12.55 14.64 15.38
C THR A 160 -11.42 14.01 14.59
N LEU A 161 -10.36 13.55 15.27
CA LEU A 161 -9.24 12.94 14.58
C LEU A 161 -9.64 11.65 13.86
N TYR A 162 -10.54 10.87 14.46
CA TYR A 162 -10.99 9.64 13.82
C TYR A 162 -11.75 9.94 12.54
N LEU A 163 -12.65 10.94 12.58
CA LEU A 163 -13.37 11.33 11.38
C LEU A 163 -12.43 11.88 10.32
N VAL A 164 -11.43 12.66 10.74
CA VAL A 164 -10.45 13.19 9.80
C VAL A 164 -9.70 12.06 9.12
N LEU A 165 -9.27 11.06 9.90
CA LEU A 165 -8.54 9.94 9.33
C LEU A 165 -9.41 9.14 8.38
N LEU A 166 -10.68 8.92 8.74
CA LEU A 166 -11.59 8.19 7.86
C LEU A 166 -11.78 8.92 6.54
N LEU A 167 -12.04 10.23 6.60
CA LEU A 167 -12.24 11.00 5.37
C LEU A 167 -10.98 11.03 4.53
N LEU A 168 -9.82 11.19 5.17
CA LEU A 168 -8.56 11.22 4.43
C LEU A 168 -8.28 9.89 3.76
N ALA A 169 -8.54 8.79 4.46
CA ALA A 169 -8.33 7.46 3.88
C ALA A 169 -9.27 7.23 2.71
N LEU A 170 -10.54 7.60 2.86
CA LEU A 170 -11.48 7.45 1.75
C LEU A 170 -11.05 8.26 0.54
N ALA A 171 -10.62 9.50 0.76
CA ALA A 171 -10.17 10.37 -0.32
C ALA A 171 -8.96 9.79 -1.02
N ALA A 172 -7.96 9.36 -0.24
CA ALA A 172 -6.75 8.78 -0.83
C ALA A 172 -7.06 7.53 -1.63
N SER A 173 -7.93 6.66 -1.12
CA SER A 173 -8.27 5.43 -1.83
C SER A 173 -9.02 5.74 -3.13
N SER A 174 -9.98 6.67 -3.07
CA SER A 174 -10.70 7.07 -4.27
C SER A 174 -9.75 7.63 -5.32
N VAL A 175 -8.83 8.50 -4.88
CA VAL A 175 -7.85 9.10 -5.79
C VAL A 175 -7.04 7.99 -6.44
N ARG A 176 -6.47 7.10 -5.63
CA ARG A 176 -5.66 6.00 -6.13
C ARG A 176 -6.38 5.19 -7.19
N SER A 177 -7.55 4.65 -6.84
CA SER A 177 -8.28 3.78 -7.74
C SER A 177 -8.70 4.49 -9.02
N THR A 178 -9.36 5.64 -8.88
CA THR A 178 -9.89 6.33 -10.06
C THR A 178 -8.77 6.87 -10.93
N LEU A 179 -7.62 7.22 -10.33
CA LEU A 179 -6.50 7.73 -11.10
C LEU A 179 -5.81 6.60 -11.86
N THR A 180 -5.69 5.43 -11.24
CA THR A 180 -5.18 4.27 -11.98
C THR A 180 -6.08 3.96 -13.17
N SER A 181 -7.40 3.96 -12.93
CA SER A 181 -8.34 3.70 -14.02
C SER A 181 -8.23 4.76 -15.12
N PHE A 182 -8.05 6.03 -14.72
CA PHE A 182 -7.95 7.11 -15.69
C PHE A 182 -6.68 7.02 -16.51
N GLY A 183 -5.55 6.71 -15.86
CA GLY A 183 -4.31 6.55 -16.60
C GLY A 183 -4.36 5.38 -17.56
N ALA A 184 -5.02 4.29 -17.15
CA ALA A 184 -5.21 3.17 -18.08
C ALA A 184 -6.10 3.58 -19.24
N ASP A 185 -7.14 4.37 -18.97
CA ASP A 185 -7.97 4.91 -20.05
C ASP A 185 -7.13 5.74 -21.02
N GLN A 186 -6.17 6.49 -20.49
CA GLN A 186 -5.27 7.28 -21.31
C GLN A 186 -4.37 6.39 -22.18
N VAL A 187 -3.85 5.31 -21.59
CA VAL A 187 -2.87 4.47 -22.26
C VAL A 187 -3.61 3.27 -22.88
N MET A 188 -4.90 3.48 -23.13
CA MET A 188 -5.74 2.53 -23.86
C MET A 188 -5.32 2.46 -25.33
N ASP A 189 -6.21 2.00 -26.21
CA ASP A 189 -5.92 1.24 -27.43
C ASP A 189 -4.62 1.56 -28.14
N LEU A 190 -4.12 2.80 -28.06
CA LEU A 190 -2.86 3.18 -28.70
C LEU A 190 -1.77 2.12 -28.55
N GLY A 191 -1.74 1.43 -27.42
CA GLY A 191 -0.84 0.31 -27.22
C GLY A 191 -1.14 -0.53 -26.00
N ARG A 192 -1.19 -1.85 -26.19
CA ARG A 192 -1.33 -2.78 -25.08
C ARG A 192 0.01 -2.96 -24.36
N ASP A 193 1.07 -3.19 -25.13
CA ASP A 193 2.41 -3.18 -24.57
C ASP A 193 2.69 -1.81 -23.98
N ALA A 194 2.13 -0.77 -24.60
CA ALA A 194 2.18 0.55 -24.01
C ALA A 194 1.43 0.60 -22.67
N THR A 195 0.35 -0.17 -22.54
CA THR A 195 -0.37 -0.22 -21.26
C THR A 195 0.47 -0.90 -20.19
N ARG A 196 1.19 -1.95 -20.57
CA ARG A 196 2.09 -2.61 -19.63
C ARG A 196 3.22 -1.66 -19.23
N ARG A 197 3.81 -0.96 -20.20
CA ARG A 197 4.83 0.06 -19.90
C ARG A 197 4.26 1.13 -18.98
N PHE A 198 2.99 1.49 -19.17
CA PHE A 198 2.37 2.50 -18.34
C PHE A 198 2.25 2.03 -16.91
N PHE A 199 1.80 0.79 -16.70
CA PHE A 199 1.74 0.27 -15.35
C PHE A 199 3.13 0.18 -14.72
N ASN A 200 4.14 -0.16 -15.53
CA ASN A 200 5.52 -0.21 -15.04
C ASN A 200 5.99 1.15 -14.54
N TRP A 201 5.99 2.16 -15.41
CA TRP A 201 6.36 3.51 -14.97
C TRP A 201 5.40 4.10 -13.96
N PHE A 202 4.18 3.56 -13.85
CA PHE A 202 3.24 3.99 -12.82
C PHE A 202 3.72 3.55 -11.44
N TYR A 203 4.05 2.27 -11.31
CA TYR A 203 4.67 1.80 -10.08
C TYR A 203 6.00 2.50 -9.82
N TRP A 204 6.74 2.82 -10.89
CA TRP A 204 8.01 3.52 -10.74
C TRP A 204 7.80 4.91 -10.14
N SER A 205 6.83 5.66 -10.67
CA SER A 205 6.53 6.98 -10.15
C SER A 205 5.99 6.89 -8.72
N ILE A 206 5.21 5.85 -8.42
CA ILE A 206 4.75 5.64 -7.05
C ILE A 206 5.95 5.48 -6.12
N ASN A 207 6.91 4.65 -6.52
CA ASN A 207 8.10 4.44 -5.69
C ASN A 207 8.93 5.71 -5.55
N LEU A 208 9.05 6.49 -6.63
CA LEU A 208 9.81 7.73 -6.56
C LEU A 208 9.16 8.72 -5.60
N GLY A 209 7.84 8.87 -5.69
CA GLY A 209 7.14 9.73 -4.75
C GLY A 209 7.28 9.23 -3.33
N ALA A 210 7.23 7.91 -3.14
CA ALA A 210 7.42 7.32 -1.82
C ALA A 210 8.79 7.67 -1.26
N ILE A 211 9.83 7.55 -2.09
CA ILE A 211 11.20 7.88 -1.69
C ILE A 211 11.29 9.33 -1.25
N LEU A 212 10.87 10.24 -2.14
CA LEU A 212 10.95 11.67 -1.87
C LEU A 212 10.20 12.03 -0.60
N SER A 213 8.96 11.57 -0.50
CA SER A 213 8.12 11.79 0.66
C SER A 213 8.79 11.30 1.94
N LEU A 214 9.10 10.01 1.99
CA LEU A 214 9.75 9.42 3.16
C LEU A 214 10.92 10.30 3.58
N LEU A 215 11.91 10.45 2.72
CA LEU A 215 13.11 11.19 3.08
C LEU A 215 12.78 12.59 3.61
N VAL A 216 12.21 13.44 2.76
CA VAL A 216 12.08 14.87 3.10
C VAL A 216 11.10 15.06 4.24
N VAL A 217 9.89 14.51 4.10
CA VAL A 217 8.84 14.77 5.07
C VAL A 217 9.19 14.15 6.42
N ALA A 218 9.77 12.95 6.44
CA ALA A 218 10.14 12.34 7.71
C ALA A 218 11.26 13.12 8.39
N PHE A 219 12.27 13.53 7.63
CA PHE A 219 13.33 14.37 8.20
C PHE A 219 12.75 15.63 8.81
N ILE A 220 11.86 16.30 8.07
CA ILE A 220 11.27 17.56 8.55
C ILE A 220 10.44 17.32 9.80
N GLU A 221 9.63 16.27 9.80
CA GLU A 221 8.73 15.97 10.91
C GLU A 221 9.48 15.63 12.19
N GLN A 222 10.45 14.72 12.12
CA GLN A 222 11.10 14.29 13.36
C GLN A 222 12.27 15.19 13.75
N ASN A 223 12.76 16.04 12.84
CA ASN A 223 13.83 16.97 13.20
C ASN A 223 13.38 18.42 13.35
N ILE A 224 12.28 18.83 12.70
CA ILE A 224 11.73 20.17 12.86
C ILE A 224 10.26 19.98 13.26
N SER A 225 9.55 21.07 13.53
CA SER A 225 8.16 21.01 13.95
C SER A 225 7.31 20.30 12.91
N PHE A 226 6.29 19.56 13.38
CA PHE A 226 5.39 18.86 12.47
C PHE A 226 4.63 19.83 11.57
N LEU A 227 4.54 21.10 11.97
CA LEU A 227 3.84 22.11 11.17
C LEU A 227 4.44 22.21 9.78
N TRP A 228 5.77 22.25 9.68
CA TRP A 228 6.43 22.36 8.38
C TRP A 228 6.16 21.14 7.51
N GLY A 229 6.23 19.94 8.08
CA GLY A 229 5.97 18.72 7.35
C GLY A 229 4.56 18.66 6.81
N TYR A 230 3.57 18.90 7.68
CA TYR A 230 2.20 18.87 7.19
C TYR A 230 1.87 20.03 6.25
N SER A 231 2.57 21.16 6.38
CA SER A 231 2.34 22.27 5.46
C SER A 231 2.87 21.93 4.07
N ILE A 232 4.07 21.33 4.00
CA ILE A 232 4.56 20.92 2.68
C ILE A 232 3.73 19.78 2.13
N ILE A 233 3.15 18.94 2.99
CA ILE A 233 2.25 17.89 2.52
C ILE A 233 1.00 18.50 1.88
N VAL A 234 0.35 19.42 2.58
CA VAL A 234 -0.87 20.03 2.04
C VAL A 234 -0.54 20.88 0.82
N GLY A 235 0.68 21.43 0.76
CA GLY A 235 1.09 22.16 -0.42
C GLY A 235 1.26 21.26 -1.63
N LEU A 236 1.88 20.09 -1.43
CA LEU A 236 1.97 19.12 -2.50
C LEU A 236 0.59 18.67 -2.95
N VAL A 237 -0.33 18.49 -2.00
CA VAL A 237 -1.70 18.09 -2.35
C VAL A 237 -2.37 19.16 -3.20
N GLY A 238 -2.28 20.43 -2.78
CA GLY A 238 -2.88 21.50 -3.54
C GLY A 238 -2.25 21.66 -4.92
N LEU A 239 -0.93 21.47 -5.00
CA LEU A 239 -0.24 21.58 -6.28
C LEU A 239 -0.68 20.48 -7.23
N ALA A 240 -0.83 19.26 -6.70
CA ALA A 240 -1.33 18.15 -7.51
C ALA A 240 -2.75 18.42 -7.98
N PHE A 241 -3.59 18.97 -7.10
CA PHE A 241 -4.96 19.30 -7.48
C PHE A 241 -4.99 20.36 -8.58
N PHE A 242 -4.14 21.37 -8.47
CA PHE A 242 -4.09 22.42 -9.49
C PHE A 242 -3.57 21.87 -10.82
N ILE A 243 -2.61 20.94 -10.77
CA ILE A 243 -2.13 20.32 -12.00
C ILE A 243 -3.24 19.50 -12.65
N PHE A 244 -3.98 18.76 -11.84
CA PHE A 244 -5.10 17.99 -12.38
C PHE A 244 -6.15 18.91 -13.01
N LEU A 245 -6.42 20.04 -12.36
CA LEU A 245 -7.35 21.03 -12.90
C LEU A 245 -6.86 21.56 -14.24
N PHE A 246 -5.58 21.94 -14.31
CA PHE A 246 -4.99 22.45 -15.54
C PHE A 246 -5.01 21.42 -16.66
N ALA A 247 -4.88 20.14 -16.31
CA ALA A 247 -4.80 19.07 -17.28
C ALA A 247 -6.12 18.78 -17.98
N THR A 248 -7.21 19.39 -17.48
CA THR A 248 -8.57 19.12 -17.95
C THR A 248 -8.71 19.16 -19.48
N PRO A 249 -8.21 20.21 -20.19
CA PRO A 249 -8.38 20.23 -21.65
C PRO A 249 -7.61 19.11 -22.35
N VAL A 250 -6.65 18.52 -21.66
CA VAL A 250 -5.83 17.43 -22.20
C VAL A 250 -6.46 16.07 -21.90
N PHE A 251 -6.92 15.87 -20.68
CA PHE A 251 -7.51 14.60 -20.26
C PHE A 251 -8.78 14.30 -21.05
N ILE A 252 -8.93 13.04 -21.45
CA ILE A 252 -10.12 12.56 -22.16
C ILE A 252 -10.95 11.73 -21.20
N THR A 253 -12.26 11.72 -21.43
CA THR A 253 -13.19 11.01 -20.56
C THR A 253 -14.20 10.25 -21.41
N LYS A 254 -15.07 9.49 -20.74
CA LYS A 254 -16.15 8.76 -21.36
C LYS A 254 -17.44 9.04 -20.61
N PRO A 255 -18.60 8.84 -21.24
CA PRO A 255 -19.87 9.02 -20.52
C PRO A 255 -20.00 8.02 -19.38
N PRO A 256 -20.78 8.34 -18.36
CA PRO A 256 -20.90 7.43 -17.21
C PRO A 256 -21.60 6.12 -17.59
N THR A 257 -21.15 5.05 -16.96
CA THR A 257 -21.68 3.71 -17.20
C THR A 257 -22.82 3.44 -16.20
N GLY A 258 -23.33 2.23 -16.07
CA GLY A 258 -24.40 1.95 -15.11
C GLY A 258 -24.17 0.70 -14.29
N SER A 259 -25.16 -0.19 -14.27
CA SER A 259 -25.09 -1.46 -13.57
C SER A 259 -24.81 -1.26 -12.08
N GLN A 260 -25.76 -0.67 -11.36
CA GLN A 260 -25.61 -0.37 -9.94
C GLN A 260 -25.36 -1.64 -9.13
N VAL A 261 -24.85 -1.46 -7.91
CA VAL A 261 -24.49 -2.57 -7.05
C VAL A 261 -25.74 -3.28 -6.57
N SER A 262 -26.86 -2.56 -6.54
CA SER A 262 -28.14 -3.16 -6.17
C SER A 262 -28.49 -4.28 -7.15
N SER A 263 -28.51 -3.96 -8.45
CA SER A 263 -28.79 -4.94 -9.48
C SER A 263 -27.73 -6.04 -9.51
N MET A 264 -26.48 -5.67 -9.24
CA MET A 264 -25.39 -6.63 -9.21
C MET A 264 -25.64 -7.70 -8.16
N LEU A 265 -25.84 -7.28 -6.91
CA LEU A 265 -26.13 -8.22 -5.84
C LEU A 265 -27.45 -8.95 -6.05
N LYS A 266 -28.43 -8.29 -6.68
CA LYS A 266 -29.71 -8.96 -6.94
C LYS A 266 -29.53 -10.12 -7.91
N LEU A 267 -28.80 -9.89 -9.00
CA LEU A 267 -28.53 -10.97 -9.96
C LEU A 267 -27.63 -12.04 -9.35
N ALA A 268 -26.67 -11.64 -8.52
CA ALA A 268 -25.82 -12.63 -7.85
C ALA A 268 -26.66 -13.55 -6.97
N PHE A 269 -27.54 -12.97 -6.15
CA PHE A 269 -28.45 -13.78 -5.36
C PHE A 269 -29.32 -14.67 -6.23
N GLN A 270 -29.98 -14.08 -7.24
CA GLN A 270 -30.86 -14.83 -8.13
C GLN A 270 -30.15 -16.05 -8.70
N ASN A 271 -28.89 -15.88 -9.11
CA ASN A 271 -28.09 -17.01 -9.59
C ASN A 271 -27.78 -17.97 -8.45
N CYS A 272 -27.69 -17.46 -7.22
CA CYS A 272 -27.22 -18.24 -6.08
C CYS A 272 -28.32 -18.66 -5.12
N CYS A 273 -29.52 -18.09 -5.21
CA CYS A 273 -30.49 -18.33 -4.14
C CYS A 273 -31.38 -19.52 -4.48
N PRO A 274 -31.46 -20.53 -3.61
CA PRO A 274 -32.55 -21.51 -3.71
C PRO A 274 -33.86 -20.92 -3.24
N CYS A 275 -34.89 -21.75 -3.09
CA CYS A 275 -36.19 -21.31 -2.59
C CYS A 275 -36.05 -20.41 -1.36
N ARG A 276 -35.06 -20.69 -0.52
CA ARG A 276 -34.74 -19.80 0.60
C ARG A 276 -33.94 -18.59 0.12
N GLY A 298 -29.47 3.34 -17.19
CA GLY A 298 -29.66 1.94 -16.85
C GLY A 298 -29.40 1.00 -18.01
N PRO A 299 -28.36 0.18 -17.90
CA PRO A 299 -28.03 -0.76 -18.98
C PRO A 299 -29.10 -1.84 -19.12
N SER A 300 -28.91 -2.67 -20.13
CA SER A 300 -29.82 -3.76 -20.43
C SER A 300 -29.51 -4.96 -19.53
N PRO A 301 -30.51 -5.79 -19.24
CA PRO A 301 -30.26 -6.99 -18.43
C PRO A 301 -29.18 -7.90 -19.00
N GLN A 302 -29.02 -7.93 -20.33
CA GLN A 302 -27.95 -8.71 -20.93
C GLN A 302 -26.58 -8.18 -20.52
N GLU A 303 -26.43 -6.85 -20.51
CA GLU A 303 -25.16 -6.27 -20.09
C GLU A 303 -24.90 -6.51 -18.61
N ASP A 304 -25.96 -6.50 -17.78
CA ASP A 304 -25.80 -6.81 -16.36
C ASP A 304 -25.37 -8.26 -16.18
N MET A 305 -25.97 -9.17 -16.94
CA MET A 305 -25.57 -10.57 -16.87
C MET A 305 -24.12 -10.76 -17.32
N ALA A 306 -23.70 -10.02 -18.35
CA ALA A 306 -22.31 -10.10 -18.80
C ALA A 306 -21.36 -9.59 -17.73
N ASN A 307 -21.70 -8.47 -17.09
CA ASN A 307 -20.89 -7.96 -15.99
C ASN A 307 -20.81 -8.96 -14.85
N PHE A 308 -21.93 -9.60 -14.52
CA PHE A 308 -21.95 -10.59 -13.45
C PHE A 308 -21.06 -11.79 -13.80
N GLN A 309 -21.13 -12.24 -15.05
CA GLN A 309 -20.28 -13.36 -15.47
C GLN A 309 -18.80 -12.98 -15.40
N VAL A 310 -18.44 -11.79 -15.87
CA VAL A 310 -17.05 -11.37 -15.82
C VAL A 310 -16.58 -11.22 -14.37
N LEU A 311 -17.46 -10.74 -13.50
CA LEU A 311 -17.12 -10.62 -12.08
C LEU A 311 -16.90 -12.00 -11.47
N VAL A 312 -17.74 -12.97 -11.82
CA VAL A 312 -17.61 -14.35 -11.35
C VAL A 312 -16.27 -14.91 -11.82
N LYS A 313 -15.86 -14.54 -13.04
CA LYS A 313 -14.58 -15.01 -13.56
C LYS A 313 -13.42 -14.39 -12.78
N ILE A 314 -13.48 -13.09 -12.51
CA ILE A 314 -12.33 -12.38 -11.95
C ILE A 314 -12.19 -12.64 -10.45
N LEU A 315 -13.31 -12.92 -9.78
CA LEU A 315 -13.33 -13.03 -8.32
C LEU A 315 -12.36 -14.05 -7.74
N PRO A 316 -12.30 -15.30 -8.25
CA PRO A 316 -11.40 -16.30 -7.64
C PRO A 316 -9.93 -15.91 -7.70
N VAL A 317 -9.52 -15.23 -8.77
CA VAL A 317 -8.13 -14.81 -8.90
C VAL A 317 -7.75 -13.87 -7.76
N MET A 318 -8.54 -12.81 -7.56
CA MET A 318 -8.25 -11.88 -6.47
C MET A 318 -8.43 -12.52 -5.09
N VAL A 319 -9.38 -13.45 -4.95
CA VAL A 319 -9.57 -14.14 -3.68
C VAL A 319 -8.33 -14.95 -3.34
N THR A 320 -7.74 -15.62 -4.33
CA THR A 320 -6.50 -16.36 -4.09
C THR A 320 -5.32 -15.43 -3.95
N LEU A 321 -5.43 -14.21 -4.47
CA LEU A 321 -4.37 -13.23 -4.29
C LEU A 321 -4.38 -12.63 -2.90
N VAL A 322 -5.54 -12.67 -2.23
CA VAL A 322 -5.68 -12.14 -0.87
C VAL A 322 -4.61 -12.69 0.06
N PRO A 323 -4.39 -14.03 0.15
CA PRO A 323 -3.33 -14.54 1.03
C PRO A 323 -1.95 -14.04 0.63
N TYR A 324 -1.72 -13.86 -0.68
CA TYR A 324 -0.43 -13.34 -1.11
C TYR A 324 -0.20 -11.92 -0.61
N TRP A 325 -1.23 -11.08 -0.69
CA TRP A 325 -1.10 -9.72 -0.19
C TRP A 325 -0.93 -9.71 1.32
N MET A 326 -1.63 -10.62 2.02
CA MET A 326 -1.43 -10.78 3.46
C MET A 326 0.04 -11.07 3.77
N VAL A 327 0.59 -12.08 3.10
CA VAL A 327 1.97 -12.51 3.31
C VAL A 327 2.91 -11.36 2.99
N TYR A 328 2.63 -10.62 1.92
CA TYR A 328 3.50 -9.53 1.50
C TYR A 328 3.53 -8.41 2.54
N PHE A 329 2.35 -7.98 3.00
CA PHE A 329 2.30 -6.92 3.99
C PHE A 329 2.97 -7.34 5.29
N GLN A 330 2.66 -8.55 5.77
CA GLN A 330 3.27 -9.01 7.01
C GLN A 330 4.77 -9.20 6.85
N MET A 331 5.22 -9.57 5.66
CA MET A 331 6.64 -9.75 5.41
C MET A 331 7.36 -8.41 5.40
N GLN A 332 6.75 -7.39 4.80
CA GLN A 332 7.32 -6.04 4.87
C GLN A 332 7.42 -5.57 6.31
N SER A 333 6.36 -5.79 7.09
CA SER A 333 6.37 -5.36 8.49
C SER A 333 7.46 -6.08 9.28
N THR A 334 7.56 -7.40 9.13
CA THR A 334 8.55 -8.14 9.91
C THR A 334 9.96 -7.88 9.40
N TYR A 335 10.09 -7.51 8.13
CA TYR A 335 11.40 -7.12 7.60
C TYR A 335 11.85 -5.80 8.21
N VAL A 336 10.95 -4.83 8.31
CA VAL A 336 11.27 -3.59 9.01
C VAL A 336 11.64 -3.88 10.46
N LEU A 337 10.87 -4.75 11.11
CA LEU A 337 11.15 -5.09 12.50
C LEU A 337 12.51 -5.75 12.66
N GLN A 338 12.89 -6.62 11.72
CA GLN A 338 14.17 -7.31 11.81
C GLN A 338 15.33 -6.36 11.53
N GLY A 339 15.21 -5.54 10.50
CA GLY A 339 16.22 -4.55 10.18
C GLY A 339 16.43 -3.56 11.30
N LEU A 340 15.36 -3.27 12.04
CA LEU A 340 15.43 -2.37 13.19
C LEU A 340 16.44 -2.86 14.22
N HIS A 341 16.54 -4.18 14.38
CA HIS A 341 17.41 -4.77 15.40
C HIS A 341 18.77 -5.19 14.86
N LEU A 342 19.24 -4.59 13.77
CA LEU A 342 20.55 -4.85 13.23
C LEU A 342 21.48 -3.68 13.57
N HIS A 343 22.70 -3.70 13.03
CA HIS A 343 23.66 -2.62 13.22
C HIS A 343 23.51 -1.64 12.06
N ILE A 344 22.51 -0.77 12.17
CA ILE A 344 22.24 0.26 11.17
C ILE A 344 23.38 1.26 11.22
N PRO A 345 23.88 1.74 10.07
CA PRO A 345 24.97 2.73 10.10
C PRO A 345 24.61 4.00 10.86
N ASN A 346 25.60 4.80 11.23
CA ASN A 346 25.39 5.93 12.13
C ASN A 346 25.81 7.24 11.50
N ILE A 347 24.87 8.18 11.42
CA ILE A 347 25.15 9.56 11.02
C ILE A 347 25.74 10.30 12.21
N PHE A 348 26.16 11.55 11.98
CA PHE A 348 26.96 12.31 12.95
C PHE A 348 26.35 12.37 14.35
N ARG A 349 25.09 11.97 14.54
CA ARG A 349 24.46 12.09 15.84
C ARG A 349 25.16 11.23 16.91
N THR A 350 25.55 10.01 16.55
CA THR A 350 26.33 9.09 17.39
C THR A 350 25.60 8.62 18.64
N ASN A 351 24.39 9.15 18.91
CA ASN A 351 23.53 8.80 20.04
C ASN A 351 24.29 8.39 21.30
N PRO A 352 25.01 9.31 21.94
CA PRO A 352 25.80 8.94 23.14
C PRO A 352 24.91 8.74 24.37
N ASN A 353 24.06 7.73 24.30
CA ASN A 353 23.15 7.37 25.39
C ASN A 353 22.28 8.56 25.81
N SER A 363 23.17 17.58 17.12
CA SER A 363 22.09 18.04 16.26
C SER A 363 21.74 16.98 15.22
N ASN A 364 20.55 17.11 14.63
CA ASN A 364 20.05 16.20 13.61
C ASN A 364 20.04 14.76 14.11
N TYR A 365 19.69 14.55 15.37
CA TYR A 365 19.59 13.21 15.95
C TYR A 365 18.19 12.65 15.70
N ARG A 366 17.85 11.55 16.37
CA ARG A 366 16.58 10.85 16.26
C ARG A 366 16.32 10.34 14.85
N ILE A 367 17.05 9.33 14.38
CA ILE A 367 16.90 8.72 13.06
C ILE A 367 15.42 8.60 12.71
N PRO A 368 15.01 9.02 11.51
CA PRO A 368 13.58 9.14 11.20
C PRO A 368 12.76 7.85 11.22
N GLU A 369 13.38 6.70 11.50
CA GLU A 369 12.67 5.45 11.75
C GLU A 369 12.02 4.91 10.47
N ALA A 370 12.05 5.71 9.40
CA ALA A 370 11.45 5.32 8.14
C ALA A 370 12.45 5.17 7.01
N TRP A 371 13.75 5.34 7.27
CA TRP A 371 14.74 5.21 6.21
C TRP A 371 14.98 3.76 5.83
N LEU A 372 14.56 2.81 6.66
CA LEU A 372 14.57 1.41 6.26
C LEU A 372 13.53 1.15 5.18
N LEU A 373 12.32 1.66 5.38
CA LEU A 373 11.31 1.63 4.31
C LEU A 373 11.80 2.41 3.09
N LEU A 374 12.56 3.47 3.31
CA LEU A 374 13.14 4.21 2.18
C LEU A 374 14.09 3.33 1.39
N ALA A 375 14.96 2.59 2.08
CA ALA A 375 15.88 1.67 1.42
C ALA A 375 15.11 0.61 0.66
N ASN A 376 14.03 0.09 1.28
CA ASN A 376 13.21 -0.92 0.61
C ASN A 376 12.60 -0.37 -0.68
N VAL A 377 11.99 0.82 -0.60
CA VAL A 377 11.37 1.41 -1.78
C VAL A 377 12.41 1.75 -2.83
N ALA A 378 13.62 2.13 -2.42
CA ALA A 378 14.68 2.40 -3.39
C ALA A 378 15.11 1.12 -4.08
N VAL A 379 15.17 0.01 -3.34
CA VAL A 379 15.47 -1.29 -3.94
C VAL A 379 14.41 -1.65 -4.97
N ILE A 380 13.14 -1.44 -4.62
CA ILE A 380 12.03 -1.73 -5.52
C ILE A 380 12.13 -0.87 -6.77
N LEU A 381 12.48 0.41 -6.59
CA LEU A 381 12.52 1.38 -7.67
C LEU A 381 13.56 1.02 -8.74
N ILE A 382 14.82 0.89 -8.32
CA ILE A 382 15.95 0.70 -9.23
C ILE A 382 15.68 -0.47 -10.18
N LEU A 383 15.02 -1.51 -9.68
CA LEU A 383 14.78 -2.70 -10.48
C LEU A 383 13.86 -2.41 -11.67
N ILE A 384 12.81 -1.62 -11.43
CA ILE A 384 11.71 -1.45 -12.39
C ILE A 384 12.20 -1.07 -13.78
N PRO A 385 13.00 0.01 -13.97
CA PRO A 385 13.41 0.37 -15.33
C PRO A 385 14.28 -0.69 -15.98
N VAL A 386 15.31 -1.16 -15.26
CA VAL A 386 16.20 -2.17 -15.82
C VAL A 386 15.44 -3.48 -16.05
N LYS A 387 14.57 -3.84 -15.10
CA LYS A 387 13.73 -5.03 -15.26
C LYS A 387 12.96 -4.95 -16.56
N ASP A 388 12.21 -3.88 -16.76
CA ASP A 388 11.45 -3.72 -18.00
C ASP A 388 12.37 -3.82 -19.21
N HIS A 389 13.29 -2.86 -19.32
CA HIS A 389 14.13 -2.68 -20.50
C HIS A 389 14.89 -3.94 -20.89
N LEU A 390 15.31 -4.74 -19.90
CA LEU A 390 16.05 -5.96 -20.22
C LEU A 390 15.11 -7.14 -20.45
N ILE A 391 14.27 -7.44 -19.45
CA ILE A 391 13.54 -8.70 -19.44
C ILE A 391 12.47 -8.72 -20.53
N ASP A 392 11.67 -7.65 -20.63
CA ASP A 392 10.53 -7.69 -21.56
C ASP A 392 10.97 -7.91 -23.01
N PRO A 393 11.91 -7.13 -23.57
CA PRO A 393 12.39 -7.46 -24.93
C PRO A 393 13.03 -8.84 -25.00
N LEU A 394 13.72 -9.22 -23.92
CA LEU A 394 14.38 -10.52 -23.85
C LEU A 394 13.37 -11.65 -23.96
N LEU A 395 12.31 -11.60 -23.14
CA LEU A 395 11.31 -12.67 -23.19
C LEU A 395 10.52 -12.62 -24.50
N LEU A 396 10.26 -11.41 -25.01
CA LEU A 396 9.61 -11.29 -26.31
C LEU A 396 10.38 -11.98 -27.42
N ARG A 397 11.70 -11.77 -27.46
CA ARG A 397 12.49 -12.39 -28.52
C ARG A 397 12.76 -13.87 -28.25
N CYS A 398 12.78 -14.26 -26.97
CA CYS A 398 13.03 -15.66 -26.63
C CYS A 398 11.77 -16.51 -26.78
N LYS A 399 10.61 -15.86 -26.93
CA LYS A 399 9.34 -16.51 -27.25
C LYS A 399 8.91 -17.52 -26.20
N LEU A 400 9.60 -17.54 -25.06
CA LEU A 400 9.19 -18.37 -23.94
C LEU A 400 8.18 -17.62 -23.07
N LEU A 401 7.61 -16.54 -23.63
CA LEU A 401 6.70 -15.64 -22.95
C LEU A 401 5.59 -16.41 -22.23
N PRO A 402 5.46 -16.25 -20.92
CA PRO A 402 4.39 -16.91 -20.17
C PRO A 402 3.17 -16.01 -20.05
N SER A 403 2.07 -16.61 -19.60
CA SER A 403 0.87 -15.86 -19.29
C SER A 403 1.09 -15.01 -18.03
N SER A 404 0.26 -13.98 -17.88
CA SER A 404 0.35 -13.11 -16.72
C SER A 404 0.24 -13.89 -15.41
N LEU A 405 -0.61 -14.93 -15.41
CA LEU A 405 -0.79 -15.75 -14.23
C LEU A 405 0.52 -16.47 -13.88
N GLN A 406 1.24 -16.95 -14.89
CA GLN A 406 2.54 -17.56 -14.63
C GLN A 406 3.59 -16.55 -14.18
N LYS A 407 3.50 -15.30 -14.61
CA LYS A 407 4.37 -14.26 -14.07
C LYS A 407 4.07 -14.02 -12.60
N MET A 408 2.79 -14.01 -12.23
CA MET A 408 2.42 -13.94 -10.82
C MET A 408 2.95 -15.14 -10.04
N ALA A 409 2.92 -16.33 -10.65
CA ALA A 409 3.46 -17.52 -10.00
C ALA A 409 4.96 -17.39 -9.79
N LEU A 410 5.67 -16.86 -10.78
CA LEU A 410 7.10 -16.61 -10.63
C LEU A 410 7.38 -15.60 -9.53
N GLY A 411 6.54 -14.57 -9.42
CA GLY A 411 6.65 -13.61 -8.34
C GLY A 411 6.46 -14.25 -6.99
N MET A 412 5.46 -15.13 -6.88
CA MET A 412 5.24 -15.85 -5.63
C MET A 412 6.42 -16.76 -5.28
N PHE A 413 7.02 -17.37 -6.30
CA PHE A 413 8.19 -18.21 -6.05
C PHE A 413 9.38 -17.37 -5.58
N PHE A 414 9.58 -16.20 -6.18
CA PHE A 414 10.63 -15.31 -5.71
C PHE A 414 10.36 -14.83 -4.29
N GLY A 415 9.09 -14.61 -3.95
CA GLY A 415 8.75 -14.25 -2.58
C GLY A 415 9.05 -15.37 -1.60
N PHE A 416 8.75 -16.61 -2.00
CA PHE A 416 9.10 -17.76 -1.17
C PHE A 416 10.60 -17.85 -0.96
N THR A 417 11.37 -17.64 -2.03
CA THR A 417 12.82 -17.65 -1.89
C THR A 417 13.30 -16.56 -0.95
N SER A 418 12.72 -15.36 -1.06
CA SER A 418 13.15 -14.26 -0.21
C SER A 418 12.81 -14.52 1.26
N ILE A 419 11.64 -15.11 1.52
CA ILE A 419 11.27 -15.36 2.92
C ILE A 419 12.10 -16.51 3.48
N ILE A 420 12.49 -17.47 2.65
CA ILE A 420 13.41 -18.51 3.13
C ILE A 420 14.77 -17.91 3.47
N VAL A 421 15.29 -17.02 2.61
CA VAL A 421 16.56 -16.36 2.89
C VAL A 421 16.45 -15.53 4.17
N ALA A 422 15.31 -14.88 4.38
CA ALA A 422 15.11 -14.09 5.58
C ALA A 422 15.05 -14.97 6.83
N GLY A 423 14.41 -16.13 6.73
CA GLY A 423 14.41 -17.05 7.85
C GLY A 423 15.81 -17.53 8.20
N VAL A 424 16.61 -17.83 7.18
CA VAL A 424 17.99 -18.25 7.44
C VAL A 424 18.78 -17.11 8.08
N LEU A 425 18.58 -15.88 7.58
CA LEU A 425 19.29 -14.73 8.13
C LEU A 425 18.89 -14.49 9.58
N GLU A 426 17.60 -14.67 9.89
CA GLU A 426 17.15 -14.52 11.27
C GLU A 426 17.69 -15.63 12.16
N LYS A 427 17.86 -16.84 11.61
CA LYS A 427 18.49 -17.91 12.38
C LYS A 427 19.94 -17.55 12.72
N GLU A 428 20.68 -17.02 11.74
CA GLU A 428 22.04 -16.56 12.02
C GLU A 428 22.04 -15.43 13.05
N ARG A 429 21.07 -14.51 12.96
CA ARG A 429 21.01 -13.41 13.91
C ARG A 429 20.77 -13.93 15.33
N LEU A 430 19.82 -14.86 15.49
CA LEU A 430 19.54 -15.42 16.80
C LEU A 430 20.71 -16.23 17.34
N GLN A 431 21.42 -16.99 16.50
CA GLN A 431 22.58 -17.72 17.01
C GLN A 431 23.71 -16.77 17.38
N TYR A 432 23.79 -15.62 16.71
CA TYR A 432 24.77 -14.61 17.10
C TYR A 432 24.39 -13.96 18.43
N ILE A 433 23.10 -13.69 18.65
CA ILE A 433 22.66 -13.15 19.94
C ILE A 433 22.90 -14.17 21.05
N ALA A 434 22.82 -15.46 20.70
CA ALA A 434 23.08 -16.52 21.68
C ALA A 434 24.48 -16.39 22.27
N ALA A 435 25.42 -15.81 21.52
CA ALA A 435 26.77 -15.60 22.00
C ALA A 435 26.86 -14.40 22.93
N ASN A 436 25.73 -13.76 23.20
CA ASN A 436 25.59 -12.61 24.10
C ASN A 436 26.36 -11.39 23.62
N GLN A 437 26.57 -11.25 22.31
CA GLN A 437 27.26 -10.09 21.75
C GLN A 437 26.27 -8.97 21.42
N THR A 438 25.60 -8.49 22.46
CA THR A 438 24.60 -7.45 22.29
C THR A 438 25.27 -6.10 22.02
N VAL A 439 24.46 -5.16 21.54
CA VAL A 439 24.93 -3.81 21.24
C VAL A 439 23.73 -2.86 21.26
N PRO A 440 23.84 -1.68 21.85
CA PRO A 440 22.71 -0.75 21.90
C PRO A 440 22.70 0.23 20.72
N GLN A 441 21.48 0.64 20.36
CA GLN A 441 21.26 1.63 19.33
C GLN A 441 19.85 2.17 19.47
N LEU A 442 19.69 3.45 19.15
CA LEU A 442 18.44 4.17 19.42
C LEU A 442 17.96 4.84 18.14
N ILE A 443 17.06 4.16 17.43
CA ILE A 443 16.36 4.77 16.30
C ILE A 443 15.00 5.25 16.79
N GLY A 444 14.63 6.49 16.45
CA GLY A 444 13.40 7.07 16.92
C GLY A 444 13.46 7.38 18.40
N LYS A 445 12.38 7.08 19.12
CA LYS A 445 12.27 7.36 20.55
C LYS A 445 12.17 6.05 21.32
N ASP A 446 12.82 5.00 20.79
CA ASP A 446 12.80 3.68 21.44
C ASP A 446 14.17 3.04 21.21
N LEU A 447 14.92 2.89 22.30
CA LEU A 447 16.21 2.20 22.22
C LEU A 447 16.01 0.71 21.99
N TYR A 448 16.88 0.13 21.18
CA TYR A 448 16.81 -1.29 20.83
C TYR A 448 18.17 -1.93 20.97
N TYR A 449 18.20 -3.15 21.50
CA TYR A 449 19.41 -3.94 21.49
C TYR A 449 19.51 -4.72 20.19
N ALA A 450 20.72 -4.82 19.65
CA ALA A 450 20.93 -5.35 18.31
C ALA A 450 21.98 -6.45 18.36
N ALA A 451 22.34 -6.95 17.18
CA ALA A 451 23.29 -8.02 16.98
C ALA A 451 24.50 -7.50 16.21
N PRO A 452 25.65 -8.18 16.31
CA PRO A 452 26.83 -7.72 15.56
C PRO A 452 26.70 -7.82 14.05
N LEU A 453 25.62 -8.42 13.54
CA LEU A 453 25.39 -8.49 12.11
C LEU A 453 25.14 -7.09 11.55
N SER A 454 25.28 -6.93 10.24
CA SER A 454 25.12 -5.64 9.59
C SER A 454 23.84 -5.62 8.77
N ILE A 455 23.32 -4.42 8.52
CA ILE A 455 22.06 -4.24 7.79
C ILE A 455 22.30 -4.51 6.31
N TRP A 456 23.57 -4.59 5.90
CA TRP A 456 23.91 -4.86 4.51
C TRP A 456 23.57 -6.29 4.08
N TRP A 457 23.41 -7.21 5.03
CA TRP A 457 22.95 -8.55 4.72
C TRP A 457 21.45 -8.58 4.41
N GLN A 458 20.73 -7.52 4.74
CA GLN A 458 19.31 -7.45 4.41
C GLN A 458 19.10 -7.01 2.97
N ILE A 459 20.14 -6.50 2.33
CA ILE A 459 20.07 -5.99 0.97
C ILE A 459 19.72 -7.10 -0.04
N PRO A 460 20.33 -8.29 0.02
CA PRO A 460 19.93 -9.34 -0.93
C PRO A 460 18.48 -9.77 -0.79
N GLN A 461 18.00 -9.96 0.44
CA GLN A 461 16.61 -10.36 0.61
C GLN A 461 15.65 -9.24 0.25
N TYR A 462 16.05 -7.99 0.46
CA TYR A 462 15.24 -6.87 -0.01
C TYR A 462 15.17 -6.84 -1.54
N LEU A 463 16.30 -7.13 -2.20
CA LEU A 463 16.30 -7.22 -3.66
C LEU A 463 15.36 -8.32 -4.13
N LEU A 464 15.42 -9.49 -3.48
CA LEU A 464 14.57 -10.61 -3.87
C LEU A 464 13.09 -10.28 -3.66
N ILE A 465 12.75 -9.70 -2.50
CA ILE A 465 11.35 -9.39 -2.23
C ILE A 465 10.86 -8.26 -3.13
N GLY A 466 11.75 -7.36 -3.54
CA GLY A 466 11.35 -6.32 -4.48
C GLY A 466 11.08 -6.87 -5.86
N VAL A 467 11.94 -7.78 -6.33
CA VAL A 467 11.70 -8.46 -7.60
C VAL A 467 10.38 -9.21 -7.57
N SER A 468 10.11 -9.93 -6.48
CA SER A 468 8.85 -10.64 -6.29
C SER A 468 7.67 -9.69 -6.33
N GLU A 469 7.78 -8.59 -5.58
CA GLU A 469 6.71 -7.60 -5.50
C GLU A 469 6.38 -7.04 -6.88
N ILE A 470 7.41 -6.73 -7.67
CA ILE A 470 7.22 -6.17 -9.00
C ILE A 470 6.55 -7.18 -9.92
N PHE A 471 7.14 -8.37 -10.03
CA PHE A 471 6.59 -9.42 -10.89
C PHE A 471 5.19 -9.84 -10.48
N ALA A 472 4.79 -9.61 -9.23
CA ALA A 472 3.43 -9.94 -8.84
C ALA A 472 2.47 -8.78 -9.05
N SER A 473 2.96 -7.55 -8.83
CA SER A 473 2.07 -6.40 -8.81
C SER A 473 1.77 -5.88 -10.21
N ILE A 474 2.79 -5.79 -11.06
CA ILE A 474 2.59 -5.23 -12.41
C ILE A 474 1.62 -6.11 -13.19
N PRO A 475 1.86 -7.43 -13.33
CA PRO A 475 0.84 -8.28 -13.97
C PRO A 475 -0.47 -8.28 -13.20
N GLY A 476 -0.40 -8.02 -11.89
CA GLY A 476 -1.62 -7.94 -11.10
C GLY A 476 -2.58 -6.91 -11.63
N LEU A 477 -2.17 -5.64 -11.62
CA LEU A 477 -3.03 -4.57 -12.11
C LEU A 477 -3.25 -4.69 -13.62
N GLU A 478 -2.25 -5.21 -14.34
CA GLU A 478 -2.43 -5.44 -15.78
C GLU A 478 -3.64 -6.33 -16.05
N PHE A 479 -3.64 -7.52 -15.44
CA PHE A 479 -4.76 -8.46 -15.50
C PHE A 479 -6.05 -7.81 -15.03
N ALA A 480 -6.00 -7.19 -13.85
CA ALA A 480 -7.17 -6.57 -13.24
C ALA A 480 -7.86 -5.61 -14.18
N TYR A 481 -7.10 -4.78 -14.89
CA TYR A 481 -7.71 -3.82 -15.81
C TYR A 481 -8.13 -4.49 -17.12
N SER A 482 -7.21 -5.27 -17.72
CA SER A 482 -7.45 -5.83 -19.05
C SER A 482 -8.66 -6.75 -19.08
N GLU A 483 -8.71 -7.72 -18.16
CA GLU A 483 -9.80 -8.69 -18.19
C GLU A 483 -11.12 -8.05 -17.76
N ALA A 484 -11.06 -6.94 -17.05
CA ALA A 484 -12.26 -6.23 -16.62
C ALA A 484 -12.99 -5.65 -17.82
N PRO A 485 -14.32 -5.52 -17.75
CA PRO A 485 -15.06 -4.81 -18.81
C PRO A 485 -14.94 -3.30 -18.63
N ARG A 486 -15.07 -2.57 -19.74
CA ARG A 486 -14.85 -1.13 -19.79
C ARG A 486 -15.56 -0.39 -18.66
N SER A 487 -16.78 -0.82 -18.33
CA SER A 487 -17.52 -0.22 -17.24
C SER A 487 -16.93 -0.58 -15.88
N MET A 488 -16.69 -1.87 -15.64
CA MET A 488 -16.33 -2.37 -14.32
C MET A 488 -14.83 -2.27 -14.04
N GLN A 489 -14.11 -1.48 -14.83
CA GLN A 489 -12.66 -1.39 -14.67
C GLN A 489 -12.27 -0.85 -13.30
N GLY A 490 -12.71 0.38 -12.99
CA GLY A 490 -12.43 0.95 -11.69
C GLY A 490 -13.05 0.17 -10.55
N ALA A 491 -14.20 -0.46 -10.78
CA ALA A 491 -14.83 -1.27 -9.76
C ALA A 491 -13.96 -2.47 -9.39
N ILE A 492 -13.43 -3.16 -10.38
CA ILE A 492 -12.57 -4.32 -10.10
C ILE A 492 -11.23 -3.87 -9.54
N MET A 493 -10.75 -2.69 -9.94
CA MET A 493 -9.55 -2.15 -9.30
C MET A 493 -9.78 -1.90 -7.82
N GLY A 494 -10.92 -1.30 -7.47
CA GLY A 494 -11.28 -1.08 -6.10
C GLY A 494 -11.45 -2.36 -5.31
N ILE A 495 -12.04 -3.38 -5.94
CA ILE A 495 -12.18 -4.68 -5.29
C ILE A 495 -10.82 -5.31 -5.06
N PHE A 496 -9.90 -5.14 -6.00
CA PHE A 496 -8.53 -5.64 -5.83
C PHE A 496 -7.86 -4.98 -4.63
N PHE A 497 -7.96 -3.65 -4.54
CA PHE A 497 -7.42 -2.95 -3.38
C PHE A 497 -8.09 -3.38 -2.08
N CYS A 498 -9.40 -3.60 -2.11
CA CYS A 498 -10.13 -4.06 -0.93
C CYS A 498 -9.64 -5.42 -0.47
N LEU A 499 -9.40 -6.33 -1.42
CA LEU A 499 -8.93 -7.65 -1.06
C LEU A 499 -7.49 -7.62 -0.56
N SER A 500 -6.66 -6.75 -1.13
CA SER A 500 -5.31 -6.56 -0.60
C SER A 500 -5.36 -6.08 0.85
N GLY A 501 -6.19 -5.08 1.13
CA GLY A 501 -6.36 -4.61 2.49
C GLY A 501 -6.96 -5.63 3.43
N VAL A 502 -7.89 -6.46 2.94
CA VAL A 502 -8.46 -7.53 3.75
C VAL A 502 -7.37 -8.53 4.12
N GLY A 503 -6.50 -8.85 3.16
CA GLY A 503 -5.37 -9.70 3.48
C GLY A 503 -4.43 -9.09 4.50
N SER A 504 -4.16 -7.79 4.36
CA SER A 504 -3.31 -7.11 5.33
C SER A 504 -3.92 -7.17 6.74
N LEU A 505 -5.23 -6.91 6.83
CA LEU A 505 -5.90 -6.97 8.13
C LEU A 505 -5.93 -8.38 8.69
N LEU A 506 -6.10 -9.39 7.82
CA LEU A 506 -6.08 -10.76 8.27
C LEU A 506 -4.71 -11.15 8.80
N GLY A 507 -3.64 -10.67 8.15
CA GLY A 507 -2.30 -10.89 8.66
C GLY A 507 -2.05 -10.20 9.98
N SER A 508 -2.53 -8.96 10.13
CA SER A 508 -2.44 -8.29 11.42
C SER A 508 -3.17 -9.06 12.51
N GLY A 509 -4.35 -9.59 12.18
CA GLY A 509 -5.09 -10.40 13.15
C GLY A 509 -4.37 -11.69 13.49
N LEU A 510 -3.73 -12.31 12.50
CA LEU A 510 -2.95 -13.52 12.76
C LEU A 510 -1.78 -13.22 13.69
N VAL A 511 -1.12 -12.07 13.48
CA VAL A 511 -0.05 -11.66 14.37
C VAL A 511 -0.60 -11.41 15.78
N ALA A 512 -1.82 -10.87 15.86
CA ALA A 512 -2.45 -10.64 17.15
C ALA A 512 -2.72 -11.96 17.87
N LEU A 513 -3.20 -12.97 17.14
CA LEU A 513 -3.43 -14.28 17.73
C LEU A 513 -2.12 -14.92 18.17
N LEU A 514 -1.06 -14.73 17.38
CA LEU A 514 0.25 -15.26 17.75
C LEU A 514 0.80 -14.54 18.98
N SER A 515 0.37 -13.30 19.20
CA SER A 515 0.81 -12.52 20.36
C SER A 515 0.33 -13.11 21.67
N PHE A 516 -0.65 -14.02 21.60
CA PHE A 516 -1.22 -14.70 22.76
C PHE A 516 -0.11 -15.35 23.59
N PRO A 517 -0.28 -15.43 24.93
CA PRO A 517 0.73 -16.09 25.76
C PRO A 517 1.09 -17.49 25.28
N GLY A 518 2.35 -17.87 25.45
CA GLY A 518 2.80 -19.15 24.91
C GLY A 518 2.86 -19.17 23.40
N GLY A 519 3.10 -18.02 22.79
CA GLY A 519 3.15 -17.90 21.35
C GLY A 519 4.56 -17.65 20.84
N TRP A 520 4.73 -17.76 19.53
CA TRP A 520 6.02 -17.56 18.89
C TRP A 520 6.51 -16.13 19.07
N MET A 521 5.59 -15.18 19.21
CA MET A 521 5.91 -13.80 19.52
C MET A 521 5.28 -13.41 20.83
N TYR A 522 5.96 -13.69 21.94
CA TYR A 522 5.45 -13.37 23.26
C TYR A 522 6.55 -12.84 24.18
N CYS A 523 7.29 -11.84 23.73
CA CYS A 523 8.27 -11.20 24.61
C CYS A 523 7.77 -9.84 25.07
N PRO A 524 6.99 -9.79 26.16
CA PRO A 524 6.47 -8.50 26.64
C PRO A 524 7.49 -7.66 27.39
N LYS A 525 8.28 -8.31 28.25
CA LYS A 525 9.23 -7.61 29.11
C LYS A 525 10.38 -7.02 28.32
N ASP A 526 10.47 -7.37 27.03
CA ASP A 526 11.55 -6.89 26.18
C ASP A 526 11.24 -5.52 25.60
N PHE A 527 10.25 -4.83 26.19
CA PHE A 527 9.76 -3.52 25.75
C PHE A 527 9.66 -3.43 24.23
N GLY A 528 9.24 -4.52 23.59
CA GLY A 528 9.05 -4.53 22.15
C GLY A 528 10.32 -4.76 21.35
N ASN A 529 11.18 -5.66 21.80
CA ASN A 529 12.34 -6.08 21.03
C ASN A 529 12.31 -7.59 20.83
N ILE A 530 12.82 -8.03 19.67
CA ILE A 530 12.64 -9.41 19.24
C ILE A 530 13.68 -10.37 19.77
N ASN A 531 14.49 -9.96 20.75
CA ASN A 531 15.55 -10.79 21.29
C ASN A 531 15.01 -12.13 21.81
N ASN A 532 14.13 -12.09 22.82
CA ASN A 532 13.59 -13.33 23.36
C ASN A 532 12.57 -13.96 22.44
N CYS A 533 11.87 -13.15 21.64
CA CYS A 533 10.90 -13.69 20.70
C CYS A 533 11.59 -14.51 19.61
N GLN A 534 10.87 -15.50 19.10
CA GLN A 534 11.39 -16.43 18.10
C GLN A 534 10.57 -16.28 16.81
N MET A 535 11.10 -15.48 15.88
CA MET A 535 10.37 -15.21 14.65
C MET A 535 10.83 -16.09 13.49
N ASP A 536 11.77 -17.01 13.73
CA ASP A 536 12.19 -17.93 12.69
C ASP A 536 11.05 -18.88 12.32
N ARG A 537 10.33 -19.37 13.33
CA ARG A 537 9.16 -20.19 13.11
C ARG A 537 8.10 -19.40 12.36
N TYR A 538 7.97 -18.11 12.68
CA TYR A 538 7.03 -17.23 12.00
C TYR A 538 7.39 -17.09 10.52
N PHE A 539 8.69 -16.95 10.23
CA PHE A 539 9.17 -16.84 8.86
C PHE A 539 8.88 -18.13 8.10
N PHE A 540 9.15 -19.28 8.73
CA PHE A 540 8.90 -20.56 8.08
C PHE A 540 7.41 -20.77 7.83
N LEU A 541 6.56 -20.32 8.77
CA LEU A 541 5.13 -20.42 8.59
C LEU A 541 4.66 -19.53 7.44
N LEU A 542 5.21 -18.32 7.35
CA LEU A 542 4.92 -17.45 6.22
C LEU A 542 5.32 -18.09 4.91
N ALA A 543 6.48 -18.75 4.89
CA ALA A 543 6.95 -19.45 3.70
C ALA A 543 5.99 -20.56 3.28
N GLY A 544 5.57 -21.36 4.26
CA GLY A 544 4.60 -22.42 3.99
C GLY A 544 3.28 -21.90 3.48
N ILE A 545 2.79 -20.82 4.08
CA ILE A 545 1.53 -20.21 3.68
C ILE A 545 1.67 -19.69 2.26
N GLU A 546 2.80 -19.07 1.94
CA GLU A 546 3.04 -18.58 0.59
C GLU A 546 3.08 -19.70 -0.43
N ALA A 547 3.68 -20.84 -0.04
CA ALA A 547 3.73 -22.00 -0.92
C ALA A 547 2.33 -22.54 -1.20
N VAL A 548 1.52 -22.69 -0.14
CA VAL A 548 0.14 -23.16 -0.30
C VAL A 548 -0.65 -22.19 -1.18
N THR A 549 -0.46 -20.89 -0.95
CA THR A 549 -1.12 -19.87 -1.74
C THR A 549 -0.72 -19.95 -3.21
N ALA A 550 0.57 -20.22 -3.46
CA ALA A 550 1.07 -20.37 -4.82
C ALA A 550 0.45 -21.58 -5.50
N VAL A 551 0.31 -22.69 -4.78
CA VAL A 551 -0.32 -23.89 -5.32
C VAL A 551 -1.76 -23.58 -5.70
N LEU A 552 -2.50 -22.98 -4.76
CA LEU A 552 -3.89 -22.64 -5.01
C LEU A 552 -4.02 -21.65 -6.16
N PHE A 553 -3.05 -20.75 -6.29
CA PHE A 553 -3.05 -19.77 -7.36
C PHE A 553 -2.80 -20.42 -8.72
N LEU A 554 -1.91 -21.42 -8.75
CA LEU A 554 -1.71 -22.19 -9.97
C LEU A 554 -2.99 -22.90 -10.37
N TRP A 555 -3.70 -23.48 -9.40
CA TRP A 555 -4.96 -24.14 -9.68
C TRP A 555 -5.99 -23.15 -10.24
N ILE A 556 -6.12 -21.99 -9.59
CA ILE A 556 -7.08 -20.98 -10.03
C ILE A 556 -6.69 -20.44 -11.41
N ALA A 557 -5.38 -20.38 -11.69
CA ALA A 557 -4.92 -19.90 -12.98
C ALA A 557 -5.26 -20.90 -14.08
N GLY A 558 -5.07 -22.19 -13.81
CA GLY A 558 -5.51 -23.20 -14.77
C GLY A 558 -7.00 -23.14 -15.02
N ARG A 559 -7.79 -22.96 -13.95
CA ARG A 559 -9.23 -22.84 -14.11
C ARG A 559 -9.61 -21.61 -14.93
N TYR A 560 -8.92 -20.49 -14.69
CA TYR A 560 -9.20 -19.27 -15.43
C TYR A 560 -8.82 -19.42 -16.90
N GLU A 561 -7.73 -20.13 -17.19
CA GLU A 561 -7.36 -20.38 -18.58
C GLU A 561 -8.39 -21.26 -19.27
N ARG A 562 -8.85 -22.31 -18.57
CA ARG A 562 -9.89 -23.17 -19.13
C ARG A 562 -11.21 -22.43 -19.34
N THR A 563 -11.50 -21.43 -18.52
CA THR A 563 -12.69 -20.61 -18.77
C THR A 563 -12.44 -19.63 -19.91
N ARG A 564 -11.20 -19.16 -20.06
CA ARG A 564 -10.86 -18.26 -21.15
C ARG A 564 -11.03 -18.94 -22.50
N GLN A 565 -10.57 -20.19 -22.63
CA GLN A 565 -10.79 -20.90 -23.88
C GLN A 565 -12.26 -21.27 -24.06
N ASP A 566 -13.00 -21.37 -22.97
CA ASP A 566 -14.44 -21.62 -23.02
C ASP A 566 -15.18 -20.44 -23.64
#